data_4IXW
#
_entry.id   4IXW
#
_cell.length_a   105.130
_cell.length_b   105.130
_cell.length_c   122.170
_cell.angle_alpha   90.00
_cell.angle_beta   90.00
_cell.angle_gamma   90.00
#
_symmetry.space_group_name_H-M   'P 43 21 2'
#
loop_
_entity.id
_entity.type
_entity.pdbx_description
1 polymer 'Halohydrin dehalogenase'
2 non-polymer 'CHLORIDE ION'
3 non-polymer 'ethyl (2S)-oxiran-2-ylacetate'
4 water water
#
_entity_poly.entity_id   1
_entity_poly.type   'polypeptide(L)'
_entity_poly.pdbx_seq_one_letter_code
;MSTAIVTNVKHFGGMGSALRLSEAGHTVACHDESFKHQDELEAFAETYPQLIPMSEQEPVELIEAVTSALGHVDILVSND
IAPVEWRPIDKYAVEDYRDMVEALQIKPFALANAVASQMKRRKSGHIIFITSAASFGPWKELSTYASARAGASALANALS
KELGEHNIPVFAIAPNGVDSGDSPYYYPSEPWKTSPEHVAWVRKYTALQRLGTQKELGELVTFLASGSCDYLTGQVFWLA
GGFPVVERWPGMPE
;
_entity_poly.pdbx_strand_id   A,B
#
loop_
_chem_comp.id
_chem_comp.type
_chem_comp.name
_chem_comp.formula
CL non-polymer 'CHLORIDE ION' 'Cl -1'
IXW non-polymer 'ethyl (2S)-oxiran-2-ylacetate' 'C6 H10 O3'
#
# COMPACT_ATOMS: atom_id res chain seq x y z
N SER A 2 -9.35 20.41 -22.97
CA SER A 2 -9.22 20.09 -21.52
C SER A 2 -7.78 20.31 -21.10
N THR A 3 -7.56 20.30 -19.79
CA THR A 3 -6.25 20.64 -19.22
C THR A 3 -5.73 19.51 -18.35
N ALA A 4 -4.53 19.04 -18.66
CA ALA A 4 -3.86 18.00 -17.89
C ALA A 4 -2.65 18.54 -17.15
N ILE A 5 -2.40 18.01 -15.96
CA ILE A 5 -1.11 18.18 -15.31
C ILE A 5 -0.34 16.86 -15.28
N VAL A 6 0.89 16.86 -15.79
CA VAL A 6 1.80 15.72 -15.66
C VAL A 6 2.95 16.15 -14.76
N THR A 7 3.15 15.42 -13.65
CA THR A 7 4.24 15.75 -12.74
C THR A 7 5.57 15.09 -13.18
N ASN A 8 6.65 15.51 -12.52
CA ASN A 8 7.99 15.00 -12.80
C ASN A 8 8.19 14.68 -14.25
N VAL A 9 7.90 15.65 -15.11
CA VAL A 9 7.74 15.37 -16.54
C VAL A 9 8.98 14.79 -17.22
N LYS A 10 10.16 15.09 -16.65
CA LYS A 10 11.42 14.63 -17.24
C LYS A 10 11.74 13.15 -17.01
N HIS A 11 10.89 12.47 -16.24
CA HIS A 11 11.25 11.15 -15.75
C HIS A 11 10.17 10.09 -16.01
N PHE A 12 10.56 8.82 -15.89
CA PHE A 12 9.60 7.73 -15.78
C PHE A 12 8.55 7.82 -16.90
N GLY A 13 7.29 8.06 -16.55
CA GLY A 13 6.23 8.12 -17.54
C GLY A 13 5.96 9.53 -18.05
N GLY A 14 6.82 10.48 -17.71
CA GLY A 14 6.51 11.88 -17.91
C GLY A 14 6.42 12.32 -19.36
N MET A 15 7.45 12.03 -20.13
CA MET A 15 7.55 12.59 -21.46
C MET A 15 6.50 11.97 -22.37
N GLY A 16 6.34 10.65 -22.30
CA GLY A 16 5.28 9.95 -23.03
C GLY A 16 3.90 10.52 -22.73
N SER A 17 3.66 10.86 -21.48
CA SER A 17 2.36 11.35 -21.07
C SER A 17 2.11 12.76 -21.61
N ALA A 18 3.08 13.65 -21.44
CA ALA A 18 2.94 15.02 -21.91
C ALA A 18 2.87 15.08 -23.44
N LEU A 19 3.85 14.49 -24.10
CA LEU A 19 3.93 14.54 -25.55
C LEU A 19 2.62 14.07 -26.17
N ARG A 20 2.07 12.99 -25.62
CA ARG A 20 1.02 12.26 -26.30
C ARG A 20 -0.32 12.87 -25.95
N LEU A 21 -0.45 13.31 -24.71
CA LEU A 21 -1.60 14.11 -24.32
C LEU A 21 -1.72 15.33 -25.24
N SER A 22 -0.61 16.01 -25.39
CA SER A 22 -0.57 17.21 -26.14
C SER A 22 -0.94 16.93 -27.55
N GLU A 23 -0.37 15.88 -28.11
CA GLU A 23 -0.63 15.47 -29.43
C GLU A 23 -2.08 15.21 -29.62
N ALA A 24 -2.78 15.03 -28.53
CA ALA A 24 -4.17 14.70 -28.57
C ALA A 24 -5.08 15.89 -28.34
N GLY A 25 -4.49 17.07 -28.41
CA GLY A 25 -5.16 18.35 -28.23
C GLY A 25 -5.48 18.76 -26.80
N HIS A 26 -5.06 17.98 -25.80
CA HIS A 26 -5.16 18.45 -24.44
C HIS A 26 -4.21 19.61 -24.26
N THR A 27 -4.54 20.50 -23.33
CA THR A 27 -3.61 21.51 -22.89
C THR A 27 -2.81 20.96 -21.70
N VAL A 28 -1.49 20.90 -21.84
CA VAL A 28 -0.70 20.15 -20.87
C VAL A 28 0.25 21.01 -20.04
N ALA A 29 -0.08 21.22 -18.77
CA ALA A 29 0.85 21.84 -17.83
C ALA A 29 1.78 20.76 -17.23
N CYS A 30 3.07 21.05 -17.15
CA CYS A 30 4.09 20.07 -16.76
C CYS A 30 4.85 20.48 -15.51
N HIS A 31 4.86 19.62 -14.49
CA HIS A 31 5.63 19.84 -13.26
C HIS A 31 6.96 19.10 -13.30
N ASP A 32 8.00 19.74 -12.77
CA ASP A 32 9.29 19.06 -12.51
C ASP A 32 10.08 19.74 -11.40
N GLU A 33 10.97 18.96 -10.77
CA GLU A 33 11.72 19.44 -9.63
C GLU A 33 12.77 20.42 -10.15
N SER A 34 13.16 20.24 -11.41
CA SER A 34 14.09 21.15 -12.04
C SER A 34 13.47 22.49 -12.46
N PHE A 35 12.14 22.53 -12.64
CA PHE A 35 11.45 23.77 -13.03
C PHE A 35 11.41 24.82 -11.94
N LYS A 36 12.07 24.53 -10.83
CA LYS A 36 12.18 25.47 -9.71
C LYS A 36 13.18 26.56 -10.09
N HIS A 37 14.08 26.22 -11.01
CA HIS A 37 14.98 27.18 -11.61
C HIS A 37 14.42 27.74 -12.92
N GLN A 38 14.40 29.08 -13.04
CA GLN A 38 13.97 29.70 -14.28
C GLN A 38 14.69 29.15 -15.51
N ASP A 39 16.01 29.03 -15.45
CA ASP A 39 16.78 28.65 -16.63
C ASP A 39 16.45 27.26 -17.14
N GLU A 40 16.21 26.32 -16.21
CA GLU A 40 15.85 24.95 -16.56
C GLU A 40 14.48 24.91 -17.23
N LEU A 41 13.57 25.73 -16.70
CA LEU A 41 12.19 25.84 -17.18
C LEU A 41 12.10 26.39 -18.62
N GLU A 42 12.74 27.53 -18.86
CA GLU A 42 12.65 28.19 -20.15
C GLU A 42 13.28 27.33 -21.25
N ALA A 43 14.38 26.66 -20.92
CA ALA A 43 15.03 25.74 -21.86
C ALA A 43 14.02 24.69 -22.36
N PHE A 44 13.36 24.04 -21.41
CA PHE A 44 12.27 23.10 -21.68
C PHE A 44 11.15 23.73 -22.51
N ALA A 45 10.67 24.89 -22.08
CA ALA A 45 9.62 25.57 -22.82
C ALA A 45 10.05 25.80 -24.26
N GLU A 46 11.35 26.04 -24.45
CA GLU A 46 11.88 26.28 -25.76
C GLU A 46 12.04 24.98 -26.55
N THR A 47 12.40 23.90 -25.87
CA THR A 47 12.51 22.60 -26.57
C THR A 47 11.13 22.03 -26.89
N TYR A 48 10.16 22.29 -26.02
CA TYR A 48 8.83 21.68 -26.16
C TYR A 48 7.72 22.73 -26.10
N PRO A 49 7.61 23.55 -27.15
CA PRO A 49 6.76 24.75 -27.09
C PRO A 49 5.27 24.46 -27.03
N GLN A 50 4.87 23.20 -27.22
CA GLN A 50 3.47 22.81 -27.03
C GLN A 50 3.13 22.49 -25.57
N LEU A 51 4.14 22.33 -24.72
CA LEU A 51 3.92 22.08 -23.29
C LEU A 51 4.05 23.40 -22.56
N ILE A 52 3.42 23.48 -21.40
CA ILE A 52 3.61 24.62 -20.59
C ILE A 52 4.14 24.23 -19.24
N PRO A 53 5.41 24.45 -19.08
CA PRO A 53 6.06 24.07 -17.83
C PRO A 53 5.79 25.06 -16.72
N MET A 54 5.51 24.55 -15.52
CA MET A 54 5.14 25.35 -14.35
C MET A 54 6.25 25.33 -13.32
N SER A 55 6.36 26.38 -12.53
CA SER A 55 7.47 26.52 -11.61
C SER A 55 7.11 25.95 -10.24
N GLU A 56 5.82 25.99 -9.92
CA GLU A 56 5.30 25.53 -8.61
C GLU A 56 5.68 24.09 -8.27
N GLN A 57 5.93 23.82 -6.98
CA GLN A 57 6.54 22.55 -6.54
C GLN A 57 5.64 21.69 -5.68
N GLU A 58 4.93 22.33 -4.78
CA GLU A 58 4.23 21.61 -3.78
C GLU A 58 2.85 21.46 -4.28
N PRO A 59 2.17 20.43 -3.84
CA PRO A 59 0.87 20.07 -4.34
C PRO A 59 -0.17 21.16 -4.41
N VAL A 60 -0.44 21.87 -3.33
CA VAL A 60 -1.54 22.78 -3.35
C VAL A 60 -1.24 23.94 -4.24
N GLU A 61 0.00 24.37 -4.23
CA GLU A 61 0.42 25.51 -5.01
C GLU A 61 0.30 25.30 -6.52
N LEU A 62 0.72 24.14 -6.99
CA LEU A 62 0.66 23.67 -8.37
C LEU A 62 -0.75 23.67 -8.97
N ILE A 63 -1.71 23.11 -8.24
CA ILE A 63 -3.10 23.00 -8.73
C ILE A 63 -3.79 24.36 -8.90
N GLU A 64 -3.65 25.25 -7.93
CA GLU A 64 -4.16 26.63 -8.06
C GLU A 64 -3.48 27.42 -9.17
N ALA A 65 -2.17 27.24 -9.30
CA ALA A 65 -1.41 27.89 -10.37
C ALA A 65 -1.93 27.47 -11.75
N VAL A 66 -2.17 26.18 -11.94
CA VAL A 66 -2.72 25.70 -13.20
C VAL A 66 -4.17 26.17 -13.37
N THR A 67 -4.92 26.18 -12.28
CA THR A 67 -6.29 26.62 -12.40
C THR A 67 -6.38 28.10 -12.81
N SER A 68 -5.45 28.91 -12.31
CA SER A 68 -5.30 30.30 -12.73
C SER A 68 -5.03 30.42 -14.21
N ALA A 69 -3.87 29.91 -14.63
CA ALA A 69 -3.35 30.15 -15.97
C ALA A 69 -4.27 29.57 -17.03
N LEU A 70 -5.09 28.61 -16.64
CA LEU A 70 -5.70 27.73 -17.62
C LEU A 70 -7.15 27.36 -17.31
N GLY A 71 -7.60 27.66 -16.09
CA GLY A 71 -9.02 27.76 -15.81
C GLY A 71 -9.61 26.56 -15.08
N HIS A 72 -9.01 25.39 -15.28
CA HIS A 72 -9.51 24.15 -14.67
C HIS A 72 -8.56 23.01 -14.98
N VAL A 73 -8.48 22.04 -14.06
CA VAL A 73 -7.73 20.82 -14.31
C VAL A 73 -8.66 19.64 -14.49
N ASP A 74 -8.65 19.09 -15.69
CA ASP A 74 -9.53 17.99 -16.06
C ASP A 74 -8.85 16.64 -15.80
N ILE A 75 -7.54 16.58 -16.09
CA ILE A 75 -6.75 15.35 -16.05
C ILE A 75 -5.48 15.52 -15.20
N LEU A 76 -5.45 14.82 -14.06
CA LEU A 76 -4.27 14.70 -13.21
C LEU A 76 -3.49 13.41 -13.53
N VAL A 77 -2.25 13.55 -13.99
CA VAL A 77 -1.31 12.40 -14.11
C VAL A 77 -0.22 12.48 -13.06
N SER A 78 -0.38 11.74 -11.97
CA SER A 78 0.55 11.79 -10.87
C SER A 78 1.73 10.85 -11.14
N ASN A 79 2.77 11.39 -11.76
CA ASN A 79 3.86 10.57 -12.29
C ASN A 79 4.96 10.45 -11.25
N ASP A 80 4.82 9.49 -10.34
CA ASP A 80 5.57 9.57 -9.09
C ASP A 80 6.86 8.79 -9.15
N ILE A 81 7.89 9.34 -8.52
CA ILE A 81 9.23 8.77 -8.66
C ILE A 81 9.98 8.81 -7.33
N ALA A 82 10.97 7.94 -7.24
CA ALA A 82 11.84 7.84 -6.09
C ALA A 82 12.86 6.78 -6.45
N PRO A 83 14.09 6.92 -5.94
CA PRO A 83 15.23 6.04 -6.26
C PRO A 83 15.05 4.68 -5.63
N VAL A 84 15.16 3.61 -6.41
CA VAL A 84 15.19 2.26 -5.86
C VAL A 84 16.61 1.89 -5.45
N GLU A 85 16.81 1.60 -4.17
CA GLU A 85 18.00 0.84 -3.78
C GLU A 85 17.72 -0.47 -3.04
N TRP A 86 18.30 -1.55 -3.55
CA TRP A 86 18.20 -2.89 -2.98
C TRP A 86 18.97 -3.09 -1.66
N ARG A 87 18.27 -2.95 -0.54
CA ARG A 87 18.78 -3.23 0.80
C ARG A 87 17.89 -4.27 1.51
N PRO A 88 18.48 -5.11 2.37
CA PRO A 88 17.66 -5.96 3.22
C PRO A 88 16.96 -5.16 4.29
N ILE A 89 15.82 -5.67 4.76
CA ILE A 89 14.93 -4.93 5.65
C ILE A 89 15.67 -4.29 6.85
N ASP A 90 16.59 -5.04 7.47
CA ASP A 90 17.25 -4.58 8.70
C ASP A 90 18.36 -3.55 8.45
N LYS A 91 18.77 -3.40 7.18
CA LYS A 91 19.70 -2.34 6.84
C LYS A 91 19.08 -0.97 6.57
N TYR A 92 17.76 -0.89 6.61
CA TYR A 92 17.09 0.40 6.43
C TYR A 92 16.92 0.98 7.80
N ALA A 93 16.65 2.28 7.83
CA ALA A 93 16.11 2.93 9.01
C ALA A 93 14.65 3.27 8.74
N VAL A 94 13.83 3.28 9.79
CA VAL A 94 12.41 3.55 9.61
C VAL A 94 12.18 4.76 8.71
N GLU A 95 12.88 5.86 8.99
CA GLU A 95 12.69 7.09 8.23
C GLU A 95 13.00 6.94 6.74
N ASP A 96 13.76 5.95 6.34
CA ASP A 96 13.86 5.66 4.93
C ASP A 96 12.54 5.20 4.34
N TYR A 97 11.76 4.46 5.12
CA TYR A 97 10.45 4.01 4.66
C TYR A 97 9.45 5.16 4.60
N ARG A 98 9.43 5.96 5.66
CA ARG A 98 8.64 7.18 5.66
C ARG A 98 8.87 8.01 4.44
N ASP A 99 10.14 8.13 4.01
CA ASP A 99 10.48 9.02 2.90
C ASP A 99 9.94 8.45 1.60
N MET A 100 10.02 7.13 1.49
CA MET A 100 9.57 6.44 0.29
C MET A 100 8.04 6.55 0.21
N VAL A 101 7.38 6.41 1.35
CA VAL A 101 5.93 6.59 1.39
C VAL A 101 5.57 8.03 1.13
N GLU A 102 6.46 8.95 1.53
CA GLU A 102 6.19 10.35 1.26
C GLU A 102 6.16 10.60 -0.25
N ALA A 103 7.10 10.02 -0.98
CA ALA A 103 7.22 10.32 -2.40
C ALA A 103 6.28 9.50 -3.27
N LEU A 104 5.89 8.33 -2.80
CA LEU A 104 5.22 7.40 -3.69
C LEU A 104 3.74 7.25 -3.41
N GLN A 105 3.27 7.76 -2.28
CA GLN A 105 2.01 7.33 -1.70
C GLN A 105 1.29 8.54 -1.09
N ILE A 106 1.99 9.31 -0.26
CA ILE A 106 1.48 10.56 0.24
C ILE A 106 1.30 11.57 -0.88
N LYS A 107 2.24 11.56 -1.80
CA LYS A 107 2.26 12.54 -2.87
C LYS A 107 1.08 12.42 -3.83
N PRO A 108 0.74 11.18 -4.26
CA PRO A 108 -0.38 11.15 -5.18
C PRO A 108 -1.67 11.44 -4.42
N PHE A 109 -1.74 11.02 -3.16
CA PHE A 109 -2.88 11.35 -2.34
C PHE A 109 -3.04 12.88 -2.27
N ALA A 110 -1.94 13.62 -2.08
CA ALA A 110 -1.99 15.07 -1.94
C ALA A 110 -2.49 15.75 -3.22
N LEU A 111 -2.05 15.25 -4.37
CA LEU A 111 -2.51 15.88 -5.60
C LEU A 111 -3.99 15.55 -5.82
N ALA A 112 -4.38 14.33 -5.50
CA ALA A 112 -5.75 13.92 -5.74
C ALA A 112 -6.66 14.73 -4.83
N ASN A 113 -6.32 14.75 -3.56
CA ASN A 113 -6.96 15.60 -2.55
C ASN A 113 -7.14 17.08 -2.97
N ALA A 114 -6.10 17.67 -3.54
CA ALA A 114 -6.14 19.08 -3.94
C ALA A 114 -7.07 19.37 -5.11
N VAL A 115 -7.26 18.40 -6.00
CA VAL A 115 -7.97 18.64 -7.24
C VAL A 115 -9.43 18.14 -7.21
N ALA A 116 -9.75 17.31 -6.22
CA ALA A 116 -10.98 16.53 -6.23
C ALA A 116 -12.24 17.37 -6.22
N SER A 117 -12.37 18.27 -5.25
CA SER A 117 -13.58 19.09 -5.14
C SER A 117 -13.92 19.77 -6.47
N GLN A 118 -12.96 20.49 -7.04
CA GLN A 118 -13.13 21.09 -8.36
C GLN A 118 -13.72 20.09 -9.35
N MET A 119 -13.06 18.95 -9.52
CA MET A 119 -13.59 17.86 -10.33
C MET A 119 -15.00 17.36 -9.98
N LYS A 120 -15.27 17.20 -8.70
CA LYS A 120 -16.56 16.70 -8.27
C LYS A 120 -17.67 17.74 -8.54
N ARG A 121 -17.30 19.02 -8.50
CA ARG A 121 -18.26 20.10 -8.62
C ARG A 121 -18.81 20.03 -10.03
N ARG A 122 -17.92 19.78 -10.99
CA ARG A 122 -18.28 19.81 -12.39
C ARG A 122 -18.69 18.42 -12.83
N LYS A 123 -18.73 17.49 -11.89
CA LYS A 123 -18.96 16.10 -12.23
C LYS A 123 -18.21 15.70 -13.50
N SER A 124 -16.92 16.05 -13.57
CA SER A 124 -16.06 15.51 -14.62
C SER A 124 -14.56 15.61 -14.29
N GLY A 125 -13.78 14.70 -14.85
CA GLY A 125 -12.32 14.67 -14.69
C GLY A 125 -11.72 13.28 -14.80
N HIS A 126 -10.40 13.18 -14.94
CA HIS A 126 -9.71 11.88 -14.94
C HIS A 126 -8.47 11.88 -14.03
N ILE A 127 -8.31 10.84 -13.22
CA ILE A 127 -7.13 10.74 -12.36
C ILE A 127 -6.30 9.48 -12.63
N ILE A 128 -5.01 9.68 -12.94
CA ILE A 128 -4.13 8.57 -13.25
C ILE A 128 -2.86 8.57 -12.37
N PHE A 129 -2.66 7.47 -11.63
CA PHE A 129 -1.42 7.27 -10.86
C PHE A 129 -0.48 6.33 -11.58
N ILE A 130 0.76 6.76 -11.75
CA ILE A 130 1.78 5.89 -12.38
C ILE A 130 2.61 5.29 -11.27
N THR A 131 2.38 4.00 -11.01
CA THR A 131 3.00 3.32 -9.86
C THR A 131 4.14 2.43 -10.35
N SER A 132 4.00 1.11 -10.21
CA SER A 132 5.04 0.18 -10.66
C SER A 132 4.56 -1.26 -10.58
N ALA A 133 5.04 -2.10 -11.48
CA ALA A 133 4.73 -3.55 -11.41
C ALA A 133 5.38 -4.25 -10.21
N ALA A 134 6.06 -3.49 -9.36
CA ALA A 134 6.78 -4.07 -8.23
C ALA A 134 5.84 -4.52 -7.13
N SER A 135 4.60 -4.04 -7.18
CA SER A 135 3.63 -4.17 -6.08
C SER A 135 3.52 -5.57 -5.46
N PHE A 136 2.93 -6.52 -6.16
CA PHE A 136 2.95 -7.86 -5.58
C PHE A 136 3.98 -8.71 -6.28
N GLY A 137 5.18 -8.16 -6.38
CA GLY A 137 6.08 -8.53 -7.45
C GLY A 137 7.02 -9.62 -7.00
N PRO A 138 7.85 -10.11 -7.93
CA PRO A 138 8.78 -11.22 -7.71
C PRO A 138 10.18 -10.85 -7.18
N TRP A 139 10.41 -9.60 -6.78
CA TRP A 139 11.73 -9.16 -6.32
C TRP A 139 11.92 -9.32 -4.82
N LYS A 140 13.19 -9.37 -4.40
CA LYS A 140 13.56 -9.31 -2.99
C LYS A 140 14.45 -8.12 -2.66
N GLU A 141 14.41 -7.69 -1.41
CA GLU A 141 15.15 -6.50 -0.93
C GLU A 141 14.65 -5.22 -1.60
N LEU A 142 13.41 -5.26 -2.06
CA LEU A 142 12.74 -4.12 -2.67
C LEU A 142 11.50 -3.73 -1.85
N SER A 143 11.59 -3.96 -0.54
CA SER A 143 10.43 -4.04 0.32
C SER A 143 9.73 -2.72 0.49
N THR A 144 10.50 -1.66 0.65
CA THR A 144 9.93 -0.33 0.81
C THR A 144 9.31 0.14 -0.49
N TYR A 145 9.94 -0.18 -1.61
CA TYR A 145 9.47 0.37 -2.87
C TYR A 145 8.21 -0.36 -3.33
N ALA A 146 8.28 -1.70 -3.36
CA ALA A 146 7.14 -2.55 -3.68
C ALA A 146 5.90 -2.23 -2.85
N SER A 147 6.05 -2.02 -1.55
CA SER A 147 4.88 -1.80 -0.72
C SER A 147 4.32 -0.39 -0.85
N ALA A 148 5.20 0.59 -1.00
CA ALA A 148 4.74 1.95 -1.21
C ALA A 148 3.97 2.04 -2.52
N ARG A 149 4.46 1.36 -3.54
CA ARG A 149 3.74 1.36 -4.80
C ARG A 149 2.38 0.66 -4.71
N ALA A 150 2.26 -0.36 -3.87
CA ALA A 150 1.01 -1.08 -3.78
C ALA A 150 -0.05 -0.16 -3.12
N GLY A 151 0.40 0.63 -2.16
CA GLY A 151 -0.47 1.53 -1.43
C GLY A 151 -1.05 2.55 -2.37
N ALA A 152 -0.20 3.12 -3.20
CA ALA A 152 -0.64 4.03 -4.27
C ALA A 152 -1.63 3.38 -5.26
N SER A 153 -1.36 2.15 -5.68
CA SER A 153 -2.27 1.42 -6.56
C SER A 153 -3.62 1.12 -5.89
N ALA A 154 -3.58 0.76 -4.62
CA ALA A 154 -4.76 0.47 -3.84
C ALA A 154 -5.58 1.75 -3.66
N LEU A 155 -4.86 2.86 -3.51
CA LEU A 155 -5.46 4.17 -3.37
C LEU A 155 -6.21 4.52 -4.63
N ALA A 156 -5.60 4.31 -5.79
CA ALA A 156 -6.34 4.47 -7.05
C ALA A 156 -7.61 3.62 -7.02
N ASN A 157 -7.47 2.35 -6.68
CA ASN A 157 -8.64 1.51 -6.83
C ASN A 157 -9.74 2.08 -5.94
N ALA A 158 -9.36 2.44 -4.71
CA ALA A 158 -10.30 2.87 -3.71
C ALA A 158 -10.96 4.17 -4.11
N LEU A 159 -10.17 5.13 -4.59
CA LEU A 159 -10.74 6.38 -5.03
C LEU A 159 -11.75 6.12 -6.15
N SER A 160 -11.49 5.14 -7.01
CA SER A 160 -12.39 4.98 -8.15
C SER A 160 -13.77 4.62 -7.65
N LYS A 161 -13.82 3.98 -6.48
CA LYS A 161 -15.10 3.55 -5.96
C LYS A 161 -15.91 4.76 -5.52
N GLU A 162 -15.32 5.62 -4.69
CA GLU A 162 -16.03 6.81 -4.23
C GLU A 162 -16.30 7.84 -5.31
N LEU A 163 -15.47 7.91 -6.32
CA LEU A 163 -15.57 9.02 -7.24
C LEU A 163 -16.35 8.65 -8.52
N GLY A 164 -16.87 7.42 -8.55
CA GLY A 164 -17.80 7.01 -9.61
C GLY A 164 -19.08 7.84 -9.55
N GLU A 165 -19.74 7.78 -8.40
CA GLU A 165 -20.78 8.74 -8.01
C GLU A 165 -20.69 10.06 -8.79
N HIS A 166 -19.48 10.60 -8.91
CA HIS A 166 -19.29 11.91 -9.53
C HIS A 166 -18.72 11.86 -10.94
N ASN A 167 -18.88 10.73 -11.63
CA ASN A 167 -18.35 10.57 -12.98
C ASN A 167 -16.83 10.82 -13.03
N ILE A 168 -16.10 10.42 -11.99
CA ILE A 168 -14.64 10.53 -12.08
C ILE A 168 -13.87 9.19 -12.18
N PRO A 169 -13.41 8.84 -13.38
CA PRO A 169 -12.55 7.67 -13.57
C PRO A 169 -11.20 7.83 -12.87
N VAL A 170 -10.77 6.79 -12.18
CA VAL A 170 -9.46 6.76 -11.53
C VAL A 170 -8.71 5.48 -11.91
N PHE A 171 -7.45 5.63 -12.30
CA PHE A 171 -6.64 4.50 -12.72
C PHE A 171 -5.25 4.49 -12.09
N ALA A 172 -4.61 3.32 -12.12
CA ALA A 172 -3.17 3.19 -11.85
C ALA A 172 -2.44 2.47 -13.00
N ILE A 173 -1.34 3.07 -13.43
CA ILE A 173 -0.47 2.44 -14.39
C ILE A 173 0.79 1.92 -13.72
N ALA A 174 0.95 0.61 -13.80
CA ALA A 174 1.93 -0.12 -13.00
C ALA A 174 3.00 -0.73 -13.93
N PRO A 175 4.09 0.00 -14.18
CA PRO A 175 4.96 -0.39 -15.29
C PRO A 175 6.13 -1.28 -14.88
N ASN A 176 6.70 -2.00 -15.85
CA ASN A 176 8.09 -2.44 -15.73
C ASN A 176 8.80 -2.55 -17.08
N GLY A 177 10.01 -2.00 -17.15
CA GLY A 177 10.81 -2.10 -18.36
C GLY A 177 10.43 -1.11 -19.43
N VAL A 178 9.84 0.01 -19.03
CA VAL A 178 9.60 1.12 -19.98
C VAL A 178 10.89 1.94 -20.18
N ASP A 179 11.32 2.08 -21.43
CA ASP A 179 12.44 2.96 -21.81
C ASP A 179 12.33 4.37 -21.21
N SER A 180 13.30 4.79 -20.39
CA SER A 180 13.22 6.16 -19.85
C SER A 180 14.15 7.26 -20.41
N GLY A 181 14.65 7.09 -21.64
CA GLY A 181 15.62 8.03 -22.22
C GLY A 181 16.85 8.18 -21.34
N ASP A 182 17.21 9.43 -21.00
CA ASP A 182 18.38 9.67 -20.17
C ASP A 182 17.99 9.77 -18.71
N SER A 183 16.74 9.45 -18.42
CA SER A 183 16.25 9.44 -17.05
C SER A 183 16.58 8.11 -16.34
N PRO A 184 17.20 8.21 -15.15
CA PRO A 184 17.50 7.02 -14.35
C PRO A 184 16.26 6.36 -13.73
N TYR A 185 15.08 6.86 -14.05
CA TYR A 185 13.84 6.28 -13.50
C TYR A 185 12.96 5.79 -14.64
N TYR A 186 12.97 4.49 -14.95
CA TYR A 186 13.72 3.48 -14.21
C TYR A 186 14.54 2.57 -15.14
N TYR A 187 14.42 2.79 -16.44
CA TYR A 187 15.15 1.98 -17.43
C TYR A 187 15.79 2.87 -18.50
N PRO A 188 16.84 3.63 -18.13
CA PRO A 188 17.57 4.48 -19.07
C PRO A 188 18.26 3.65 -20.17
N SER A 189 18.21 4.16 -21.41
CA SER A 189 18.70 3.44 -22.59
C SER A 189 20.13 2.90 -22.47
N GLU A 190 20.95 3.58 -21.67
CA GLU A 190 22.19 2.98 -21.22
C GLU A 190 22.12 2.90 -19.71
N PRO A 191 22.22 1.66 -19.18
CA PRO A 191 22.80 0.55 -19.92
C PRO A 191 21.82 -0.39 -20.63
N TRP A 192 20.53 -0.10 -20.54
CA TRP A 192 19.47 -1.08 -20.83
C TRP A 192 19.33 -1.42 -22.31
N LYS A 193 19.97 -0.64 -23.17
CA LYS A 193 19.81 -0.87 -24.60
C LYS A 193 21.13 -1.33 -25.22
N THR A 194 22.20 -1.24 -24.43
CA THR A 194 23.55 -1.40 -24.94
C THR A 194 24.31 -2.55 -24.28
N SER A 195 24.38 -2.53 -22.96
CA SER A 195 25.14 -3.51 -22.18
C SER A 195 24.51 -4.90 -22.28
N PRO A 196 25.30 -5.90 -22.72
CA PRO A 196 24.78 -7.24 -23.03
C PRO A 196 24.03 -7.96 -21.90
N GLU A 197 24.46 -7.77 -20.65
CA GLU A 197 23.85 -8.50 -19.54
C GLU A 197 22.51 -7.87 -19.18
N HIS A 198 22.33 -6.61 -19.54
CA HIS A 198 21.04 -5.95 -19.39
C HIS A 198 20.13 -6.37 -20.53
N VAL A 199 20.68 -6.45 -21.74
CA VAL A 199 19.91 -6.81 -22.92
C VAL A 199 19.33 -8.21 -22.75
N ALA A 200 20.08 -9.05 -22.05
CA ALA A 200 19.72 -10.45 -21.94
C ALA A 200 18.76 -10.68 -20.79
N TRP A 201 18.96 -9.98 -19.69
CA TRP A 201 18.01 -10.01 -18.59
C TRP A 201 16.59 -9.69 -19.07
N VAL A 202 16.46 -8.71 -19.95
CA VAL A 202 15.15 -8.32 -20.47
C VAL A 202 14.59 -9.36 -21.42
N ARG A 203 15.47 -9.93 -22.26
CA ARG A 203 15.09 -11.01 -23.14
C ARG A 203 14.63 -12.22 -22.33
N LYS A 204 15.20 -12.40 -21.14
CA LYS A 204 14.92 -13.58 -20.34
C LYS A 204 13.60 -13.50 -19.57
N TYR A 205 13.34 -12.37 -18.93
CA TYR A 205 12.25 -12.28 -17.94
C TYR A 205 10.98 -11.62 -18.44
N THR A 206 11.00 -11.00 -19.62
CA THR A 206 9.80 -10.36 -20.13
C THR A 206 9.32 -11.13 -21.33
N ALA A 207 8.01 -11.14 -21.57
CA ALA A 207 7.47 -12.02 -22.59
C ALA A 207 7.85 -11.53 -23.99
N LEU A 208 7.67 -10.23 -24.22
CA LEU A 208 7.81 -9.62 -25.55
C LEU A 208 9.27 -9.42 -25.88
N GLN A 209 10.11 -9.54 -24.86
CA GLN A 209 11.54 -9.66 -25.02
C GLN A 209 12.17 -8.34 -25.49
N ARG A 210 11.50 -7.24 -25.19
CA ARG A 210 12.05 -5.90 -25.38
C ARG A 210 11.67 -4.99 -24.21
N LEU A 211 12.17 -3.77 -24.22
CA LEU A 211 11.69 -2.75 -23.31
C LEU A 211 10.34 -2.25 -23.81
N GLY A 212 9.55 -1.68 -22.92
CA GLY A 212 8.42 -0.84 -23.34
C GLY A 212 8.91 0.54 -23.73
N THR A 213 8.15 1.21 -24.59
CA THR A 213 8.47 2.56 -25.09
C THR A 213 7.67 3.62 -24.34
N GLN A 214 8.21 4.84 -24.29
CA GLN A 214 7.46 6.01 -23.84
C GLN A 214 6.13 6.14 -24.57
N LYS A 215 6.19 5.89 -25.87
CA LYS A 215 5.03 6.02 -26.73
C LYS A 215 3.93 5.06 -26.29
N GLU A 216 4.29 3.84 -25.90
CA GLU A 216 3.26 2.88 -25.44
C GLU A 216 2.56 3.34 -24.16
N LEU A 217 3.32 3.95 -23.26
CA LEU A 217 2.74 4.43 -22.01
C LEU A 217 1.94 5.76 -22.16
N GLY A 218 2.50 6.70 -22.93
CA GLY A 218 1.74 7.86 -23.39
C GLY A 218 0.45 7.44 -24.06
N GLU A 219 0.53 6.50 -25.01
CA GLU A 219 -0.67 6.08 -25.70
C GLU A 219 -1.71 5.65 -24.68
N LEU A 220 -1.25 4.95 -23.64
CA LEU A 220 -2.19 4.46 -22.61
C LEU A 220 -2.86 5.57 -21.83
N VAL A 221 -2.06 6.53 -21.40
CA VAL A 221 -2.53 7.62 -20.56
C VAL A 221 -3.58 8.43 -21.33
N THR A 222 -3.23 8.76 -22.57
CA THR A 222 -4.08 9.51 -23.50
C THR A 222 -5.39 8.78 -23.70
N PHE A 223 -5.31 7.47 -23.82
CA PHE A 223 -6.52 6.68 -24.01
C PHE A 223 -7.39 6.74 -22.78
N LEU A 224 -6.80 6.52 -21.60
CA LEU A 224 -7.56 6.55 -20.36
C LEU A 224 -8.24 7.90 -20.14
N ALA A 225 -7.62 8.94 -20.68
CA ALA A 225 -8.04 10.29 -20.42
C ALA A 225 -8.86 10.85 -21.57
N SER A 226 -9.17 10.01 -22.57
CA SER A 226 -9.97 10.46 -23.72
C SER A 226 -11.47 10.46 -23.39
N GLY A 227 -11.84 9.75 -22.33
CA GLY A 227 -13.24 9.51 -22.05
C GLY A 227 -13.87 8.48 -22.98
N SER A 228 -13.02 7.80 -23.76
CA SER A 228 -13.51 6.76 -24.67
C SER A 228 -13.84 5.48 -23.94
N CYS A 229 -13.29 5.33 -22.74
CA CYS A 229 -13.50 4.11 -21.98
C CYS A 229 -13.36 4.35 -20.50
N ASP A 230 -14.26 5.18 -19.99
CA ASP A 230 -14.32 5.51 -18.59
C ASP A 230 -14.68 4.29 -17.81
N TYR A 231 -15.32 3.33 -18.48
CA TYR A 231 -15.89 2.17 -17.76
C TYR A 231 -14.79 1.24 -17.18
N LEU A 232 -13.54 1.43 -17.64
CA LEU A 232 -12.40 0.74 -17.00
C LEU A 232 -11.99 1.27 -15.62
N THR A 233 -12.75 2.22 -15.08
CA THR A 233 -12.38 2.92 -13.85
C THR A 233 -12.02 1.89 -12.78
N GLY A 234 -11.05 2.24 -11.95
CA GLY A 234 -10.49 1.29 -10.99
C GLY A 234 -9.37 0.39 -11.50
N GLN A 235 -9.20 0.27 -12.82
CA GLN A 235 -8.21 -0.68 -13.36
C GLN A 235 -6.78 -0.41 -12.89
N VAL A 236 -6.06 -1.44 -12.48
CA VAL A 236 -4.63 -1.32 -12.33
C VAL A 236 -3.98 -1.94 -13.55
N PHE A 237 -3.20 -1.14 -14.27
CA PHE A 237 -2.68 -1.59 -15.55
C PHE A 237 -1.28 -2.14 -15.42
N TRP A 238 -1.07 -3.39 -15.82
CA TRP A 238 0.26 -4.00 -15.75
C TRP A 238 0.99 -3.83 -17.05
N LEU A 239 1.76 -2.75 -17.12
CA LEU A 239 2.44 -2.36 -18.33
C LEU A 239 3.82 -2.95 -18.18
N ALA A 240 3.94 -4.27 -18.37
CA ALA A 240 5.21 -4.91 -18.11
C ALA A 240 5.65 -5.96 -19.16
N GLY A 241 5.12 -5.86 -20.39
CA GLY A 241 5.51 -6.73 -21.51
C GLY A 241 5.53 -8.24 -21.22
N GLY A 242 4.57 -8.71 -20.42
CA GLY A 242 4.51 -10.11 -20.06
C GLY A 242 5.26 -10.48 -18.79
N PHE A 243 6.03 -9.55 -18.23
CA PHE A 243 6.90 -9.87 -17.10
C PHE A 243 6.09 -10.32 -15.89
N PRO A 244 6.59 -11.34 -15.16
CA PRO A 244 7.84 -12.05 -15.40
C PRO A 244 7.55 -13.39 -16.03
N VAL A 245 8.51 -13.92 -16.78
CA VAL A 245 8.46 -15.33 -17.14
C VAL A 245 9.60 -16.13 -16.55
N VAL A 246 9.30 -17.33 -16.08
CA VAL A 246 10.34 -18.21 -15.58
C VAL A 246 10.48 -19.45 -16.45
N GLU A 247 11.72 -19.93 -16.56
CA GLU A 247 12.07 -20.97 -17.49
C GLU A 247 11.39 -22.25 -17.06
N ARG A 248 11.03 -23.09 -18.02
CA ARG A 248 10.57 -24.44 -17.71
C ARG A 248 11.58 -25.21 -16.84
N TRP A 249 11.16 -26.38 -16.36
CA TRP A 249 12.06 -27.30 -15.66
C TRP A 249 13.23 -27.71 -16.57
N PRO A 250 14.44 -27.76 -16.01
CA PRO A 250 15.62 -28.21 -16.77
C PRO A 250 15.61 -29.72 -17.04
N SER B 2 9.83 -20.97 23.06
CA SER B 2 9.30 -20.19 21.92
C SER B 2 8.60 -18.94 22.45
N THR B 3 9.01 -17.77 21.94
CA THR B 3 8.56 -16.48 22.45
C THR B 3 7.84 -15.66 21.38
N ALA B 4 6.70 -15.10 21.76
CA ALA B 4 5.86 -14.39 20.83
C ALA B 4 5.61 -13.01 21.38
N ILE B 5 5.39 -12.03 20.48
CA ILE B 5 4.90 -10.72 20.88
C ILE B 5 3.65 -10.41 20.12
N VAL B 6 2.64 -9.91 20.82
CA VAL B 6 1.40 -9.51 20.16
C VAL B 6 1.08 -8.09 20.57
N THR B 7 0.84 -7.25 19.56
CA THR B 7 0.71 -5.82 19.77
C THR B 7 -0.77 -5.47 19.90
N ASN B 8 -1.04 -4.34 20.55
CA ASN B 8 -2.41 -3.84 20.66
C ASN B 8 -3.36 -4.92 21.16
N VAL B 9 -3.00 -5.55 22.29
CA VAL B 9 -3.47 -6.90 22.58
C VAL B 9 -4.95 -6.95 22.89
N LYS B 10 -5.58 -5.79 22.97
CA LYS B 10 -6.93 -5.68 23.47
C LYS B 10 -7.88 -5.42 22.34
N HIS B 11 -7.34 -5.32 21.13
CA HIS B 11 -8.21 -5.01 20.00
C HIS B 11 -8.02 -5.93 18.82
N PHE B 12 -8.93 -5.81 17.85
CA PHE B 12 -8.78 -6.49 16.59
C PHE B 12 -8.43 -7.95 16.86
N GLY B 13 -7.30 -8.38 16.33
CA GLY B 13 -6.91 -9.77 16.45
C GLY B 13 -6.15 -10.06 17.72
N GLY B 14 -6.08 -9.07 18.61
CA GLY B 14 -5.16 -9.14 19.76
C GLY B 14 -5.36 -10.36 20.66
N MET B 15 -6.55 -10.49 21.24
CA MET B 15 -6.82 -11.51 22.27
C MET B 15 -6.87 -12.91 21.68
N GLY B 16 -7.55 -13.06 20.55
CA GLY B 16 -7.62 -14.33 19.88
C GLY B 16 -6.22 -14.87 19.74
N SER B 17 -5.30 -13.99 19.35
CA SER B 17 -3.94 -14.40 19.02
C SER B 17 -3.17 -14.80 20.25
N ALA B 18 -3.16 -13.91 21.24
CA ALA B 18 -2.36 -14.12 22.47
C ALA B 18 -2.82 -15.37 23.22
N LEU B 19 -4.12 -15.51 23.38
CA LEU B 19 -4.69 -16.63 24.09
C LEU B 19 -4.39 -17.96 23.42
N ARG B 20 -4.44 -18.02 22.07
CA ARG B 20 -4.23 -19.28 21.35
C ARG B 20 -2.76 -19.69 21.30
N LEU B 21 -1.90 -18.73 20.95
CA LEU B 21 -0.47 -18.94 21.07
C LEU B 21 -0.13 -19.45 22.47
N SER B 22 -0.68 -18.82 23.48
CA SER B 22 -0.37 -19.22 24.86
C SER B 22 -0.68 -20.70 25.06
N GLU B 23 -1.92 -21.08 24.73
CA GLU B 23 -2.36 -22.46 24.80
C GLU B 23 -1.42 -23.38 24.00
N ALA B 24 -0.91 -22.88 22.88
CA ALA B 24 0.01 -23.63 22.04
C ALA B 24 1.37 -23.84 22.69
N GLY B 25 1.57 -23.23 23.84
CA GLY B 25 2.83 -23.43 24.57
C GLY B 25 3.87 -22.34 24.41
N HIS B 26 3.50 -21.22 23.76
CA HIS B 26 4.40 -20.07 23.58
C HIS B 26 4.36 -19.19 24.83
N THR B 27 5.49 -18.59 25.17
CA THR B 27 5.49 -17.49 26.12
C THR B 27 5.09 -16.21 25.37
N VAL B 28 3.92 -15.67 25.69
CA VAL B 28 3.38 -14.54 24.94
C VAL B 28 3.46 -13.19 25.66
N ALA B 29 4.50 -12.43 25.35
CA ALA B 29 4.54 -10.99 25.65
C ALA B 29 3.50 -10.20 24.86
N CYS B 30 2.89 -9.21 25.51
CA CYS B 30 1.80 -8.45 24.92
C CYS B 30 2.04 -6.97 25.07
N HIS B 31 1.64 -6.24 24.05
CA HIS B 31 1.80 -4.78 24.05
C HIS B 31 0.42 -4.16 23.93
N ASP B 32 0.18 -3.07 24.64
CA ASP B 32 -1.00 -2.27 24.40
C ASP B 32 -0.75 -0.84 24.86
N GLU B 33 -1.30 0.13 24.13
CA GLU B 33 -1.15 1.54 24.46
C GLU B 33 -1.42 1.79 25.96
N SER B 34 -2.35 1.03 26.53
CA SER B 34 -2.80 1.27 27.90
C SER B 34 -1.75 0.76 28.88
N PHE B 35 -0.97 -0.23 28.48
CA PHE B 35 0.08 -0.72 29.34
C PHE B 35 1.10 0.37 29.69
N LYS B 36 0.79 1.60 29.30
CA LYS B 36 1.55 2.81 29.68
C LYS B 36 1.42 3.04 31.17
N HIS B 37 0.15 3.11 31.60
CA HIS B 37 -0.21 3.20 33.00
C HIS B 37 -0.11 1.83 33.66
N GLN B 38 0.77 1.70 34.66
CA GLN B 38 0.94 0.44 35.39
C GLN B 38 -0.32 0.05 36.16
N ASP B 39 -1.17 1.04 36.38
CA ASP B 39 -2.58 0.81 36.66
C ASP B 39 -3.10 -0.33 35.77
N GLU B 40 -3.36 0.00 34.51
CA GLU B 40 -3.96 -0.90 33.53
C GLU B 40 -3.15 -2.17 33.30
N LEU B 41 -1.83 -2.04 33.28
CA LEU B 41 -0.95 -3.19 33.05
C LEU B 41 -1.20 -4.31 34.06
N GLU B 42 -1.36 -3.95 35.33
CA GLU B 42 -1.41 -4.96 36.40
C GLU B 42 -2.77 -5.64 36.46
N ALA B 43 -3.82 -4.88 36.16
CA ALA B 43 -5.16 -5.47 36.14
C ALA B 43 -5.28 -6.47 35.01
N PHE B 44 -4.27 -6.52 34.15
CA PHE B 44 -4.25 -7.41 33.00
C PHE B 44 -3.31 -8.58 33.27
N ALA B 45 -2.26 -8.33 34.03
CA ALA B 45 -1.40 -9.43 34.49
C ALA B 45 -2.15 -10.30 35.49
N GLU B 46 -3.01 -9.67 36.29
CA GLU B 46 -3.85 -10.38 37.25
C GLU B 46 -4.90 -11.20 36.52
N THR B 47 -5.56 -10.60 35.54
CA THR B 47 -6.59 -11.30 34.77
C THR B 47 -6.04 -12.38 33.83
N TYR B 48 -4.82 -12.21 33.34
CA TYR B 48 -4.21 -13.21 32.48
C TYR B 48 -2.83 -13.61 32.95
N PRO B 49 -2.75 -14.48 33.96
CA PRO B 49 -1.45 -14.89 34.49
C PRO B 49 -0.54 -15.59 33.47
N GLN B 50 -1.11 -16.05 32.36
CA GLN B 50 -0.37 -16.86 31.37
C GLN B 50 0.26 -15.96 30.33
N LEU B 51 -0.42 -14.87 30.00
CA LEU B 51 0.16 -13.81 29.18
C LEU B 51 1.13 -13.00 30.02
N ILE B 52 2.07 -12.32 29.37
CA ILE B 52 2.91 -11.37 30.09
C ILE B 52 3.05 -9.98 29.44
N PRO B 53 2.27 -9.00 29.95
CA PRO B 53 2.13 -7.69 29.32
C PRO B 53 3.35 -6.82 29.53
N MET B 54 3.59 -5.90 28.61
CA MET B 54 4.72 -4.97 28.72
C MET B 54 4.24 -3.51 28.77
N SER B 55 5.06 -2.65 29.34
CA SER B 55 4.74 -1.21 29.36
C SER B 55 5.28 -0.53 28.12
N GLU B 56 6.40 -1.04 27.62
CA GLU B 56 7.09 -0.45 26.50
C GLU B 56 6.15 -0.21 25.31
N GLN B 57 6.35 0.93 24.63
CA GLN B 57 5.43 1.41 23.62
C GLN B 57 5.96 1.32 22.18
N GLU B 58 7.20 1.74 21.96
CA GLU B 58 7.71 1.91 20.61
C GLU B 58 8.42 0.64 20.19
N PRO B 59 8.60 0.44 18.88
CA PRO B 59 9.08 -0.87 18.42
C PRO B 59 10.40 -1.30 19.05
N VAL B 60 11.43 -0.46 18.98
CA VAL B 60 12.74 -0.94 19.38
C VAL B 60 12.79 -1.23 20.88
N GLU B 61 12.17 -0.38 21.71
CA GLU B 61 12.14 -0.65 23.16
C GLU B 61 11.26 -1.85 23.54
N LEU B 62 10.26 -2.15 22.72
CA LEU B 62 9.51 -3.38 22.92
C LEU B 62 10.39 -4.59 22.62
N ILE B 63 11.01 -4.62 21.45
CA ILE B 63 11.85 -5.76 21.09
C ILE B 63 13.01 -6.00 22.04
N GLU B 64 13.66 -4.94 22.51
CA GLU B 64 14.81 -5.06 23.41
C GLU B 64 14.32 -5.58 24.76
N ALA B 65 13.17 -5.05 25.17
CA ALA B 65 12.61 -5.39 26.45
C ALA B 65 12.22 -6.86 26.50
N VAL B 66 11.64 -7.34 25.41
CA VAL B 66 11.22 -8.72 25.29
C VAL B 66 12.46 -9.60 25.16
N THR B 67 13.37 -9.22 24.28
CA THR B 67 14.59 -10.01 24.10
C THR B 67 15.30 -10.17 25.44
N SER B 68 15.32 -9.09 26.24
CA SER B 68 16.06 -9.10 27.49
C SER B 68 15.39 -9.96 28.54
N ALA B 69 14.07 -9.81 28.68
CA ALA B 69 13.31 -10.51 29.72
C ALA B 69 13.06 -11.98 29.41
N LEU B 70 12.83 -12.30 28.15
CA LEU B 70 12.22 -13.57 27.80
C LEU B 70 13.02 -14.41 26.84
N GLY B 71 14.09 -13.87 26.28
CA GLY B 71 15.04 -14.68 25.54
C GLY B 71 15.39 -14.22 24.15
N HIS B 72 14.38 -14.12 23.27
CA HIS B 72 14.59 -13.95 21.85
C HIS B 72 13.27 -14.14 21.16
N VAL B 73 12.92 -13.20 20.29
CA VAL B 73 11.60 -13.23 19.65
C VAL B 73 11.52 -14.25 18.52
N ASP B 74 10.70 -15.27 18.68
CA ASP B 74 10.49 -16.25 17.61
C ASP B 74 9.33 -15.85 16.73
N ILE B 75 8.39 -15.11 17.31
CA ILE B 75 7.13 -14.83 16.65
C ILE B 75 6.69 -13.39 16.88
N LEU B 76 6.47 -12.67 15.78
CA LEU B 76 5.93 -11.33 15.88
C LEU B 76 4.52 -11.31 15.32
N VAL B 77 3.57 -10.79 16.09
CA VAL B 77 2.25 -10.58 15.55
C VAL B 77 1.92 -9.13 15.61
N SER B 78 1.94 -8.48 14.46
CA SER B 78 1.82 -7.06 14.41
C SER B 78 0.37 -6.75 14.11
N ASN B 79 -0.40 -6.70 15.19
CA ASN B 79 -1.84 -6.58 15.16
C ASN B 79 -2.15 -5.10 15.13
N ASP B 80 -2.38 -4.55 13.94
CA ASP B 80 -2.36 -3.09 13.75
C ASP B 80 -3.73 -2.44 13.63
N ILE B 81 -3.88 -1.26 14.24
CA ILE B 81 -5.19 -0.61 14.39
C ILE B 81 -5.10 0.87 14.17
N ALA B 82 -6.16 1.42 13.57
CA ALA B 82 -6.39 2.84 13.57
C ALA B 82 -7.87 3.05 13.35
N PRO B 83 -8.37 4.23 13.71
CA PRO B 83 -9.80 4.47 13.61
C PRO B 83 -10.21 4.57 12.15
N VAL B 84 -11.48 4.28 11.87
CA VAL B 84 -11.97 4.31 10.50
C VAL B 84 -13.03 5.40 10.33
N GLU B 85 -12.71 6.41 9.53
CA GLU B 85 -13.62 7.51 9.29
C GLU B 85 -14.02 7.52 7.83
N TRP B 86 -15.31 7.77 7.57
CA TRP B 86 -15.82 7.58 6.22
C TRP B 86 -15.86 8.87 5.37
N ARG B 87 -14.92 9.79 5.59
CA ARG B 87 -14.83 10.99 4.75
C ARG B 87 -14.56 10.69 3.28
N PRO B 88 -15.03 11.59 2.39
CA PRO B 88 -14.56 11.60 1.02
C PRO B 88 -13.22 12.28 0.93
N ILE B 89 -12.55 12.12 -0.20
CA ILE B 89 -11.15 12.49 -0.35
C ILE B 89 -10.86 13.97 -0.10
N ASP B 90 -11.67 14.87 -0.67
CA ASP B 90 -11.38 16.30 -0.63
C ASP B 90 -11.54 16.89 0.76
N LYS B 91 -12.01 16.06 1.70
CA LYS B 91 -12.36 16.50 3.04
C LYS B 91 -11.37 15.98 4.09
N TYR B 92 -10.34 15.30 3.63
CA TYR B 92 -9.30 14.81 4.51
C TYR B 92 -8.17 15.82 4.53
N ALA B 93 -7.42 15.87 5.62
CA ALA B 93 -6.14 16.55 5.55
C ALA B 93 -5.03 15.56 5.16
N VAL B 94 -4.08 16.03 4.35
CA VAL B 94 -2.96 15.20 3.96
C VAL B 94 -2.30 14.58 5.17
N GLU B 95 -2.15 15.38 6.23
CA GLU B 95 -1.68 14.85 7.51
C GLU B 95 -2.48 13.65 8.05
N ASP B 96 -3.80 13.66 7.89
CA ASP B 96 -4.63 12.48 8.20
C ASP B 96 -4.15 11.16 7.54
N TYR B 97 -3.83 11.20 6.23
CA TYR B 97 -3.21 10.06 5.56
C TYR B 97 -1.85 9.71 6.16
N ARG B 98 -1.05 10.73 6.48
CA ARG B 98 0.20 10.51 7.19
C ARG B 98 -0.01 9.75 8.48
N ASP B 99 -1.03 10.12 9.25
CA ASP B 99 -1.25 9.46 10.54
C ASP B 99 -1.76 8.03 10.35
N MET B 100 -2.50 7.85 9.27
CA MET B 100 -3.13 6.59 8.97
C MET B 100 -2.02 5.64 8.52
N VAL B 101 -1.21 6.11 7.59
CA VAL B 101 -0.08 5.32 7.10
C VAL B 101 0.86 5.03 8.25
N GLU B 102 1.09 6.05 9.08
CA GLU B 102 1.98 5.88 10.21
C GLU B 102 1.50 4.72 11.06
N ALA B 103 0.20 4.73 11.36
CA ALA B 103 -0.39 3.70 12.22
C ALA B 103 -0.40 2.30 11.60
N LEU B 104 -0.75 2.17 10.30
CA LEU B 104 -1.07 0.85 9.73
C LEU B 104 0.03 0.26 8.87
N GLN B 105 1.06 1.06 8.59
CA GLN B 105 2.02 0.70 7.56
C GLN B 105 3.44 0.88 8.06
N ILE B 106 3.74 2.07 8.58
CA ILE B 106 5.05 2.31 9.17
C ILE B 106 5.26 1.47 10.43
N LYS B 107 4.23 1.28 11.23
CA LYS B 107 4.37 0.52 12.47
C LYS B 107 4.86 -0.90 12.19
N PRO B 108 4.20 -1.64 11.29
CA PRO B 108 4.69 -3.00 11.15
C PRO B 108 6.04 -3.07 10.43
N PHE B 109 6.31 -2.14 9.52
CA PHE B 109 7.68 -2.01 9.00
C PHE B 109 8.64 -1.91 10.18
N ALA B 110 8.31 -1.00 11.10
CA ALA B 110 9.21 -0.69 12.22
C ALA B 110 9.42 -1.90 13.08
N LEU B 111 8.35 -2.61 13.37
CA LEU B 111 8.47 -3.83 14.19
C LEU B 111 9.32 -4.90 13.50
N ALA B 112 9.15 -5.07 12.20
CA ALA B 112 9.85 -6.14 11.49
C ALA B 112 11.30 -5.77 11.32
N ASN B 113 11.54 -4.52 10.93
CA ASN B 113 12.88 -3.96 10.89
C ASN B 113 13.64 -4.11 12.23
N ALA B 114 12.92 -4.03 13.34
CA ALA B 114 13.55 -4.17 14.65
C ALA B 114 13.83 -5.62 15.04
N VAL B 115 13.15 -6.58 14.41
CA VAL B 115 13.26 -7.96 14.87
C VAL B 115 14.09 -8.77 13.91
N ALA B 116 14.30 -8.23 12.72
CA ALA B 116 14.68 -9.03 11.58
C ALA B 116 16.06 -9.65 11.74
N SER B 117 16.98 -8.92 12.36
CA SER B 117 18.38 -9.34 12.26
C SER B 117 18.75 -10.43 13.27
N GLN B 118 18.14 -10.40 14.46
CA GLN B 118 18.19 -11.59 15.35
C GLN B 118 17.47 -12.83 14.79
N MET B 119 16.32 -12.63 14.14
CA MET B 119 15.65 -13.77 13.49
C MET B 119 16.53 -14.32 12.40
N LYS B 120 17.11 -13.41 11.62
CA LYS B 120 18.03 -13.81 10.56
C LYS B 120 19.29 -14.47 11.10
N ARG B 121 19.74 -14.06 12.29
CA ARG B 121 20.95 -14.67 12.87
C ARG B 121 20.65 -16.08 13.36
N ARG B 122 19.50 -16.23 14.00
CA ARG B 122 19.07 -17.53 14.49
C ARG B 122 18.52 -18.42 13.37
N LYS B 123 18.53 -17.91 12.13
CA LYS B 123 17.82 -18.50 11.00
C LYS B 123 16.46 -19.10 11.40
N SER B 124 15.64 -18.31 12.08
CA SER B 124 14.36 -18.82 12.55
C SER B 124 13.46 -17.70 13.08
N GLY B 125 12.16 -17.83 12.84
CA GLY B 125 11.18 -16.86 13.31
C GLY B 125 9.98 -16.86 12.38
N HIS B 126 8.91 -16.19 12.79
CA HIS B 126 7.74 -16.04 11.96
C HIS B 126 7.17 -14.65 12.16
N ILE B 127 6.66 -14.07 11.09
CA ILE B 127 6.22 -12.70 11.14
C ILE B 127 4.89 -12.59 10.46
N ILE B 128 3.92 -12.02 11.18
CA ILE B 128 2.54 -11.98 10.73
C ILE B 128 1.99 -10.59 10.93
N PHE B 129 1.46 -9.99 9.87
CA PHE B 129 0.78 -8.72 9.97
C PHE B 129 -0.73 -8.98 9.92
N ILE B 130 -1.49 -8.38 10.83
CA ILE B 130 -2.93 -8.36 10.67
C ILE B 130 -3.33 -7.07 9.97
N THR B 131 -3.81 -7.19 8.72
CA THR B 131 -4.13 -6.01 7.91
C THR B 131 -5.66 -5.86 7.72
N SER B 132 -6.14 -5.97 6.48
CA SER B 132 -7.55 -5.82 6.27
C SER B 132 -8.02 -6.21 4.88
N ALA B 133 -9.23 -6.78 4.80
CA ALA B 133 -9.86 -7.11 3.52
C ALA B 133 -10.33 -5.86 2.82
N ALA B 134 -10.18 -4.71 3.47
CA ALA B 134 -10.46 -3.44 2.80
C ALA B 134 -9.49 -3.17 1.65
N SER B 135 -8.27 -3.70 1.72
CA SER B 135 -7.35 -3.63 0.57
C SER B 135 -8.00 -4.12 -0.74
N PHE B 136 -7.94 -3.28 -1.77
CA PHE B 136 -8.62 -3.52 -3.04
C PHE B 136 -10.07 -3.99 -2.88
N GLY B 137 -10.68 -3.65 -1.74
CA GLY B 137 -12.05 -4.08 -1.44
C GLY B 137 -13.12 -3.21 -2.06
N PRO B 138 -14.39 -3.45 -1.66
CA PRO B 138 -15.58 -2.94 -2.35
C PRO B 138 -16.19 -1.65 -1.77
N TRP B 139 -15.62 -1.16 -0.68
CA TRP B 139 -16.13 0.04 0.00
C TRP B 139 -15.88 1.34 -0.74
N LYS B 140 -16.68 2.37 -0.46
CA LYS B 140 -16.37 3.75 -0.85
C LYS B 140 -16.02 4.66 0.31
N GLU B 141 -15.39 5.79 0.02
CA GLU B 141 -15.01 6.80 1.04
C GLU B 141 -14.14 6.28 2.19
N LEU B 142 -13.44 5.19 1.91
CA LEU B 142 -12.55 4.52 2.85
C LEU B 142 -11.10 4.54 2.32
N SER B 143 -10.74 5.56 1.54
CA SER B 143 -9.50 5.54 0.72
C SER B 143 -8.18 5.41 1.48
N THR B 144 -7.98 6.27 2.48
CA THR B 144 -6.78 6.22 3.30
C THR B 144 -6.54 4.86 3.94
N TYR B 145 -7.60 4.33 4.55
CA TYR B 145 -7.56 3.06 5.28
C TYR B 145 -7.22 1.90 4.34
N ALA B 146 -7.95 1.81 3.24
CA ALA B 146 -7.77 0.73 2.30
C ALA B 146 -6.36 0.72 1.72
N SER B 147 -5.83 1.88 1.33
CA SER B 147 -4.47 1.92 0.76
C SER B 147 -3.38 1.64 1.77
N ALA B 148 -3.46 2.27 2.94
CA ALA B 148 -2.52 1.95 4.03
C ALA B 148 -2.52 0.47 4.33
N ARG B 149 -3.68 -0.16 4.36
CA ARG B 149 -3.73 -1.61 4.65
C ARG B 149 -3.13 -2.45 3.52
N ALA B 150 -3.30 -1.99 2.28
CA ALA B 150 -2.76 -2.69 1.13
C ALA B 150 -1.23 -2.55 1.13
N GLY B 151 -0.78 -1.35 1.50
CA GLY B 151 0.61 -1.16 1.85
C GLY B 151 1.13 -2.26 2.73
N ALA B 152 0.42 -2.54 3.81
CA ALA B 152 0.98 -3.43 4.81
C ALA B 152 0.96 -4.88 4.33
N SER B 153 -0.08 -5.27 3.60
CA SER B 153 -0.08 -6.61 3.02
C SER B 153 1.00 -6.82 1.94
N ALA B 154 1.17 -5.84 1.06
CA ALA B 154 2.28 -5.87 0.12
C ALA B 154 3.62 -5.96 0.84
N LEU B 155 3.79 -5.22 1.95
CA LEU B 155 5.04 -5.33 2.73
C LEU B 155 5.28 -6.77 3.10
N ALA B 156 4.23 -7.40 3.61
CA ALA B 156 4.35 -8.78 4.10
C ALA B 156 4.78 -9.73 2.98
N ASN B 157 4.19 -9.56 1.80
CA ASN B 157 4.53 -10.38 0.67
C ASN B 157 5.96 -10.11 0.18
N ALA B 158 6.28 -8.84 -0.02
CA ALA B 158 7.66 -8.45 -0.31
C ALA B 158 8.62 -9.01 0.72
N LEU B 159 8.34 -8.86 2.01
CA LEU B 159 9.32 -9.34 2.98
C LEU B 159 9.48 -10.84 2.90
N SER B 160 8.44 -11.59 2.70
CA SER B 160 8.67 -12.98 2.58
C SER B 160 9.78 -13.28 1.59
N LYS B 161 9.86 -12.51 0.53
CA LYS B 161 10.69 -12.89 -0.56
C LYS B 161 12.18 -12.83 -0.22
N GLU B 162 12.50 -11.92 0.63
CA GLU B 162 13.89 -11.81 1.07
C GLU B 162 14.23 -12.66 2.28
N LEU B 163 13.27 -12.86 3.18
CA LEU B 163 13.54 -13.61 4.40
C LEU B 163 13.42 -15.13 4.26
N GLY B 164 13.05 -15.59 3.08
CA GLY B 164 12.85 -17.01 2.91
C GLY B 164 14.19 -17.68 2.87
N GLU B 165 15.17 -16.94 2.36
CA GLU B 165 16.58 -17.30 2.38
C GLU B 165 16.96 -17.75 3.77
N HIS B 166 16.45 -17.03 4.76
CA HIS B 166 16.93 -17.15 6.12
C HIS B 166 15.93 -17.92 6.96
N ASN B 167 15.08 -18.68 6.30
CA ASN B 167 14.13 -19.51 7.00
C ASN B 167 13.04 -18.75 7.78
N ILE B 168 12.60 -17.61 7.26
CA ILE B 168 11.63 -16.82 7.99
C ILE B 168 10.40 -16.57 7.14
N PRO B 169 9.27 -17.20 7.53
CA PRO B 169 8.06 -17.03 6.76
C PRO B 169 7.41 -15.71 7.15
N VAL B 170 6.78 -15.04 6.20
CA VAL B 170 6.06 -13.80 6.49
C VAL B 170 4.69 -13.86 5.86
N PHE B 171 3.66 -13.47 6.61
CA PHE B 171 2.27 -13.67 6.22
C PHE B 171 1.49 -12.41 6.50
N ALA B 172 0.47 -12.13 5.71
CA ALA B 172 -0.53 -11.15 6.13
C ALA B 172 -1.89 -11.82 6.33
N ILE B 173 -2.64 -11.35 7.33
CA ILE B 173 -4.02 -11.80 7.55
C ILE B 173 -4.94 -10.62 7.44
N ALA B 174 -5.76 -10.64 6.42
CA ALA B 174 -6.62 -9.53 6.07
C ALA B 174 -8.06 -9.90 6.41
N PRO B 175 -8.56 -9.42 7.55
CA PRO B 175 -9.87 -9.82 8.04
C PRO B 175 -11.00 -8.85 7.68
N ASN B 176 -12.21 -9.38 7.56
CA ASN B 176 -13.42 -8.57 7.72
C ASN B 176 -14.44 -9.30 8.57
N GLY B 177 -15.11 -8.56 9.45
CA GLY B 177 -16.24 -9.07 10.22
C GLY B 177 -15.84 -9.99 11.35
N VAL B 178 -14.65 -9.79 11.90
CA VAL B 178 -14.20 -10.60 13.03
C VAL B 178 -14.68 -9.99 14.34
N ASP B 179 -15.28 -10.82 15.20
CA ASP B 179 -15.79 -10.33 16.47
C ASP B 179 -14.69 -9.75 17.37
N SER B 180 -14.70 -8.43 17.58
CA SER B 180 -13.71 -7.82 18.48
C SER B 180 -14.11 -7.82 19.95
N GLY B 181 -15.40 -8.04 20.20
CA GLY B 181 -15.91 -8.17 21.57
C GLY B 181 -16.10 -6.79 22.17
N ASP B 182 -15.35 -6.51 23.23
CA ASP B 182 -15.36 -5.19 23.85
C ASP B 182 -14.67 -4.11 23.01
N SER B 183 -13.58 -4.48 22.31
CA SER B 183 -12.86 -3.51 21.47
C SER B 183 -13.68 -3.01 20.30
N PRO B 184 -13.59 -1.70 20.00
CA PRO B 184 -14.22 -1.09 18.80
C PRO B 184 -13.50 -1.38 17.47
N TYR B 185 -12.31 -2.00 17.55
CA TYR B 185 -11.56 -2.37 16.37
C TYR B 185 -11.79 -3.87 16.12
N TYR B 186 -12.72 -4.26 15.24
CA TYR B 186 -13.53 -3.38 14.39
C TYR B 186 -14.98 -3.86 14.33
N TYR B 187 -15.28 -4.97 14.97
CA TYR B 187 -16.65 -5.49 14.98
C TYR B 187 -17.07 -5.83 16.42
N PRO B 188 -17.27 -4.78 17.25
CA PRO B 188 -17.66 -5.05 18.61
C PRO B 188 -19.10 -5.61 18.65
N SER B 189 -19.33 -6.51 19.61
CA SER B 189 -20.60 -7.17 19.80
C SER B 189 -21.78 -6.21 19.64
N GLU B 190 -21.78 -5.13 20.41
CA GLU B 190 -22.67 -4.01 20.14
C GLU B 190 -21.91 -3.10 19.19
N PRO B 191 -22.49 -2.83 18.01
CA PRO B 191 -23.85 -3.27 17.72
C PRO B 191 -23.97 -4.50 16.81
N TRP B 192 -22.87 -5.25 16.63
CA TRP B 192 -22.82 -6.20 15.52
C TRP B 192 -23.62 -7.48 15.72
N LYS B 193 -23.80 -7.87 16.97
CA LYS B 193 -24.70 -8.99 17.31
C LYS B 193 -26.12 -8.51 17.67
N THR B 194 -26.21 -7.30 18.22
CA THR B 194 -27.44 -6.80 18.81
C THR B 194 -28.33 -6.03 17.82
N SER B 195 -27.76 -5.04 17.14
CA SER B 195 -28.53 -4.21 16.22
C SER B 195 -29.09 -5.01 15.05
N PRO B 196 -30.43 -4.98 14.89
CA PRO B 196 -31.04 -5.78 13.83
C PRO B 196 -30.48 -5.38 12.47
N GLU B 197 -30.41 -4.08 12.22
CA GLU B 197 -29.93 -3.58 10.94
C GLU B 197 -28.55 -4.15 10.64
N HIS B 198 -27.75 -4.34 11.68
CA HIS B 198 -26.37 -4.76 11.54
C HIS B 198 -26.31 -6.25 11.25
N VAL B 199 -27.11 -7.02 11.99
CA VAL B 199 -27.18 -8.47 11.79
C VAL B 199 -27.69 -8.80 10.40
N ALA B 200 -28.51 -7.92 9.85
CA ALA B 200 -28.95 -8.03 8.48
C ALA B 200 -27.83 -7.79 7.47
N TRP B 201 -26.92 -6.87 7.81
CA TRP B 201 -25.87 -6.47 6.87
C TRP B 201 -24.82 -7.58 6.75
N VAL B 202 -24.46 -8.18 7.88
CA VAL B 202 -23.53 -9.29 7.91
C VAL B 202 -24.16 -10.47 7.20
N ARG B 203 -25.48 -10.54 7.31
CA ARG B 203 -26.23 -11.66 6.77
C ARG B 203 -26.29 -11.55 5.25
N LYS B 204 -26.34 -10.33 4.74
CA LYS B 204 -26.53 -10.10 3.32
C LYS B 204 -25.24 -10.24 2.52
N TYR B 205 -24.11 -9.86 3.13
CA TYR B 205 -22.89 -9.55 2.38
C TYR B 205 -21.74 -10.53 2.62
N THR B 206 -21.81 -11.31 3.69
CA THR B 206 -20.85 -12.36 3.84
C THR B 206 -21.51 -13.69 3.52
N ALA B 207 -20.72 -14.66 3.09
CA ALA B 207 -21.30 -15.89 2.56
C ALA B 207 -21.65 -16.90 3.65
N LEU B 208 -20.86 -16.96 4.71
CA LEU B 208 -21.21 -17.76 5.88
C LEU B 208 -22.32 -17.09 6.73
N GLN B 209 -22.70 -15.88 6.36
CA GLN B 209 -23.82 -15.20 7.00
C GLN B 209 -23.65 -15.16 8.52
N ARG B 210 -22.40 -14.93 8.95
CA ARG B 210 -22.05 -14.77 10.36
C ARG B 210 -20.73 -13.99 10.47
N LEU B 211 -20.49 -13.43 11.67
CA LEU B 211 -19.26 -12.76 11.98
C LEU B 211 -18.27 -13.86 12.17
N GLY B 212 -16.99 -13.60 11.93
CA GLY B 212 -15.94 -14.53 12.33
C GLY B 212 -15.63 -14.48 13.82
N THR B 213 -14.87 -15.42 14.33
CA THR B 213 -14.60 -15.37 15.75
C THR B 213 -13.14 -15.11 16.11
N GLN B 214 -12.93 -14.46 17.25
CA GLN B 214 -11.61 -14.40 17.83
C GLN B 214 -10.93 -15.76 17.76
N LYS B 215 -11.63 -16.83 18.15
CA LYS B 215 -11.01 -18.16 18.18
C LYS B 215 -10.51 -18.53 16.76
N GLU B 216 -11.27 -18.17 15.74
CA GLU B 216 -10.89 -18.52 14.38
C GLU B 216 -9.60 -17.78 14.01
N LEU B 217 -9.60 -16.47 14.24
CA LEU B 217 -8.45 -15.63 13.99
C LEU B 217 -7.20 -16.13 14.75
N GLY B 218 -7.36 -16.46 16.03
CA GLY B 218 -6.28 -17.04 16.82
C GLY B 218 -5.78 -18.39 16.36
N GLU B 219 -6.67 -19.19 15.78
CA GLU B 219 -6.26 -20.53 15.39
C GLU B 219 -5.36 -20.42 14.17
N LEU B 220 -5.69 -19.48 13.28
CA LEU B 220 -4.92 -19.31 12.04
C LEU B 220 -3.54 -18.78 12.42
N VAL B 221 -3.54 -17.74 13.24
CA VAL B 221 -2.28 -17.19 13.71
C VAL B 221 -1.44 -18.33 14.27
N THR B 222 -2.06 -19.15 15.10
CA THR B 222 -1.30 -20.21 15.76
C THR B 222 -0.83 -21.25 14.75
N PHE B 223 -1.68 -21.59 13.78
CA PHE B 223 -1.28 -22.51 12.73
C PHE B 223 -0.03 -22.00 11.98
N LEU B 224 -0.10 -20.74 11.54
CA LEU B 224 1.02 -20.10 10.84
C LEU B 224 2.25 -20.07 11.71
N ALA B 225 2.07 -19.82 12.99
CA ALA B 225 3.22 -19.73 13.88
C ALA B 225 3.83 -21.07 14.30
N SER B 226 3.23 -22.18 13.90
CA SER B 226 3.61 -23.50 14.44
C SER B 226 4.87 -24.07 13.79
N GLY B 227 5.23 -23.53 12.62
CA GLY B 227 6.25 -24.18 11.80
C GLY B 227 5.72 -25.36 11.01
N SER B 228 4.40 -25.53 11.00
CA SER B 228 3.76 -26.63 10.26
C SER B 228 3.56 -26.32 8.77
N CYS B 229 3.42 -25.05 8.43
CA CYS B 229 3.20 -24.71 7.06
C CYS B 229 3.99 -23.48 6.61
N ASP B 230 5.31 -23.56 6.78
CA ASP B 230 6.23 -22.52 6.32
C ASP B 230 6.20 -22.33 4.80
N TYR B 231 5.87 -23.38 4.05
CA TYR B 231 5.83 -23.23 2.62
C TYR B 231 4.77 -22.26 2.10
N LEU B 232 3.82 -21.86 2.95
CA LEU B 232 2.80 -20.89 2.55
C LEU B 232 3.35 -19.45 2.52
N THR B 233 4.62 -19.28 2.91
CA THR B 233 5.17 -17.95 3.12
C THR B 233 4.80 -17.00 1.98
N GLY B 234 4.42 -15.77 2.33
CA GLY B 234 4.03 -14.78 1.33
C GLY B 234 2.53 -14.57 1.26
N GLN B 235 1.77 -15.53 1.81
CA GLN B 235 0.33 -15.54 1.62
C GLN B 235 -0.35 -14.38 2.33
N VAL B 236 -1.25 -13.73 1.62
CA VAL B 236 -2.28 -12.89 2.25
C VAL B 236 -3.55 -13.72 2.41
N PHE B 237 -3.96 -13.98 3.64
CA PHE B 237 -5.15 -14.77 3.90
C PHE B 237 -6.37 -13.85 4.02
N TRP B 238 -7.37 -14.00 3.23
CA TRP B 238 -8.49 -13.19 3.46
C TRP B 238 -9.35 -13.83 4.47
N LEU B 239 -9.30 -13.27 5.67
CA LEU B 239 -10.04 -13.74 6.80
C LEU B 239 -11.38 -13.02 6.91
N ALA B 240 -12.35 -13.45 6.13
CA ALA B 240 -13.53 -12.70 5.91
C ALA B 240 -14.89 -13.38 5.68
N GLY B 241 -15.02 -14.71 5.77
CA GLY B 241 -16.23 -15.51 5.73
C GLY B 241 -16.95 -15.40 4.41
N GLY B 242 -16.24 -14.99 3.37
CA GLY B 242 -16.77 -15.11 2.01
C GLY B 242 -17.17 -13.75 1.52
N PHE B 243 -17.02 -12.75 2.39
CA PHE B 243 -17.29 -11.39 1.98
C PHE B 243 -16.40 -11.03 0.78
N PRO B 244 -16.92 -10.25 -0.17
CA PRO B 244 -18.29 -9.80 -0.36
C PRO B 244 -19.13 -10.76 -1.21
N VAL B 245 -20.42 -10.82 -0.91
CA VAL B 245 -21.39 -11.49 -1.77
C VAL B 245 -22.43 -10.46 -2.20
N VAL B 246 -22.70 -10.37 -3.49
CA VAL B 246 -23.76 -9.48 -3.96
C VAL B 246 -24.87 -10.20 -4.73
N GLU B 247 -26.11 -9.78 -4.49
CA GLU B 247 -27.27 -10.56 -4.91
C GLU B 247 -27.36 -10.76 -6.42
N ARG B 248 -27.96 -11.87 -6.84
CA ARG B 248 -28.27 -12.08 -8.25
C ARG B 248 -29.06 -10.91 -8.82
N TRP B 249 -29.09 -10.80 -10.14
CA TRP B 249 -30.00 -9.85 -10.78
C TRP B 249 -31.39 -10.02 -10.19
N PRO B 250 -32.21 -8.95 -10.21
CA PRO B 250 -33.64 -9.10 -10.01
C PRO B 250 -34.31 -9.82 -11.19
N GLY B 251 -35.63 -9.99 -11.11
CA GLY B 251 -36.46 -10.34 -12.27
C GLY B 251 -35.98 -11.50 -13.11
CL CL C . 9.42 0.91 -15.67
O2 IXW D . 9.61 -2.18 -10.58
C3 IXW D . 10.47 -1.75 -11.31
O1 IXW D . 11.87 -1.91 -10.97
C2 IXW D . 12.27 -2.80 -9.96
C1 IXW D . 13.28 -3.72 -10.59
C4 IXW D . 10.11 -0.96 -12.54
C5 IXW D . 9.80 0.49 -12.23
O3 IXW D . 9.24 0.70 -10.93
C6 IXW D . 8.38 0.99 -12.04
CL CL E . -12.49 -7.34 10.94
O2 IXW F . -11.99 -2.85 6.25
C3 IXW F . -12.72 -3.40 7.05
O1 IXW F . -14.06 -2.89 7.29
C2 IXW F . -14.47 -1.67 6.66
C1 IXW F . -14.17 -0.53 7.61
C4 IXW F . -12.26 -4.59 7.82
C5 IXW F . -11.46 -4.26 9.06
O3 IXW F . -10.18 -3.68 8.86
C6 IXW F . -10.17 -5.00 9.41
#